data_2OKK
#
_entry.id   2OKK
#
_cell.length_a   78.251
_cell.length_b   99.057
_cell.length_c   120.009
_cell.angle_alpha   90.00
_cell.angle_beta   90.00
_cell.angle_gamma   90.00
#
_symmetry.space_group_name_H-M   'C 2 2 21'
#
loop_
_entity.id
_entity.type
_entity.pdbx_description
1 polymer 'Glutamate decarboxylase 2'
2 non-polymer 'GAMMA-AMINO-BUTANOIC ACID'
3 non-polymer GLYCEROL
4 water water
#
_entity_poly.entity_id   1
_entity_poly.type   'polypeptide(L)'
_entity_poly.pdbx_seq_one_letter_code
;NYAFLHATDLLPACDGERPTLAFLQDVMNILLQYVVKSFDRSTKVIDFHYPNELLQEYNWELADQPQNLEEILMHCQTTL
KYAIKTGHPRYFNQLSTGLDMVGLAADWLTSTANTNMFTYEIAPVFVLLEYVTLKKMREIIGWPGGSGDGIFSPGGAISN
MYAMMIARFKMFPEVKEKGMAALPRLIAFTSEHSHFSLKKGAAALGIGTDSVILIKCDERGKMIPSDLERRILEAKQKGF
VPFLVSATAGTTVYGAFDPLLAVADICKKYKIWMHVDAAWGGGLLMSRKHKWKLSGVERANSVTWNPH(LLP)MMGVPLQ
CSALLVREEGLMQNCNQMHASYLFQQDKHYDLSYDTGDKALQCGRHVDVFKLWLMWRAKGTTGFEAHVDKCLELAEYLYN
IIKNREGYEMVFDGKPQHTNVCFWYIPPSLRTLEDNEERMSRLSKVAPVIKARMMEYGTTMVSYQPLGDKVNFFRMVISN
PAATHQDIDFLIEEIERLGQD
;
_entity_poly.pdbx_strand_id   A
#
loop_
_chem_comp.id
_chem_comp.type
_chem_comp.name
_chem_comp.formula
ABU non-polymer 'GAMMA-AMINO-BUTANOIC ACID' 'C4 H9 N O2'
GOL non-polymer GLYCEROL 'C3 H8 O3'
#
# COMPACT_ATOMS: atom_id res chain seq x y z
N ASN A 1 8.46 10.40 41.26
CA ASN A 1 7.53 9.57 40.41
C ASN A 1 8.20 8.38 39.68
N TYR A 2 8.32 8.50 38.36
CA TYR A 2 8.64 7.37 37.48
C TYR A 2 9.97 6.68 37.76
N ALA A 3 10.92 7.41 38.35
CA ALA A 3 12.21 6.84 38.75
C ALA A 3 12.08 5.73 39.79
N PHE A 4 11.01 5.80 40.58
CA PHE A 4 10.78 4.83 41.65
C PHE A 4 9.53 3.99 41.36
N LEU A 5 9.15 3.95 40.08
CA LEU A 5 8.04 3.12 39.62
C LEU A 5 8.52 2.05 38.66
N HIS A 6 7.73 0.99 38.53
CA HIS A 6 7.98 -0.09 37.59
C HIS A 6 6.64 -0.54 37.02
N ALA A 7 6.70 -1.44 36.05
CA ALA A 7 5.51 -1.94 35.37
C ALA A 7 4.58 -2.64 36.37
N THR A 8 5.20 -3.36 37.30
CA THR A 8 4.52 -4.12 38.34
C THR A 8 3.70 -3.25 39.29
N ASP A 9 3.91 -1.93 39.21
CA ASP A 9 3.17 -0.97 40.02
C ASP A 9 1.88 -0.48 39.35
N LEU A 10 1.76 -0.73 38.04
CA LEU A 10 0.61 -0.27 37.25
C LEU A 10 -0.55 -1.28 37.28
N LEU A 11 -1.75 -0.82 36.96
CA LEU A 11 -2.89 -1.74 36.73
C LEU A 11 -2.44 -2.95 35.91
N PRO A 12 -2.84 -4.19 36.32
CA PRO A 12 -3.84 -4.58 37.32
C PRO A 12 -3.40 -4.63 38.79
N ALA A 13 -2.25 -4.03 39.13
CA ALA A 13 -1.86 -3.93 40.53
C ALA A 13 -2.88 -3.10 41.29
N CYS A 14 -3.10 -3.44 42.57
CA CYS A 14 -4.13 -2.80 43.40
C CYS A 14 -3.91 -1.31 43.67
N ASP A 15 -2.68 -0.94 44.03
CA ASP A 15 -2.30 0.47 44.12
C ASP A 15 -1.81 0.92 42.73
N GLY A 16 -2.66 0.72 41.72
CA GLY A 16 -2.24 0.90 40.34
C GLY A 16 -2.93 1.97 39.52
N GLU A 17 -4.13 2.38 39.91
CA GLU A 17 -4.95 3.26 39.07
C GLU A 17 -4.33 4.65 38.85
N ARG A 18 -3.87 5.27 39.94
CA ARG A 18 -3.25 6.59 39.88
C ARG A 18 -1.96 6.63 39.03
N PRO A 19 -0.98 5.74 39.32
CA PRO A 19 0.24 5.71 38.49
C PRO A 19 0.03 5.31 37.02
N THR A 20 -1.05 4.57 36.73
CA THR A 20 -1.40 4.18 35.37
C THR A 20 -1.95 5.34 34.53
N LEU A 21 -2.89 6.09 35.12
CA LEU A 21 -3.46 7.27 34.49
C LEU A 21 -2.39 8.34 34.19
N ALA A 22 -1.40 8.43 35.07
CA ALA A 22 -0.32 9.38 34.91
C ALA A 22 0.65 8.94 33.81
N PHE A 23 1.00 7.65 33.84
CA PHE A 23 1.98 7.10 32.91
C PHE A 23 1.44 7.14 31.49
N LEU A 24 0.22 6.63 31.31
CA LEU A 24 -0.39 6.64 30.00
C LEU A 24 -0.56 8.07 29.48
N GLN A 25 -0.87 9.01 30.37
CA GLN A 25 -1.03 10.39 29.92
C GLN A 25 0.32 11.02 29.55
N ASP A 26 1.38 10.63 30.25
CA ASP A 26 2.73 11.12 29.92
C ASP A 26 3.24 10.60 28.58
N VAL A 27 2.89 9.36 28.23
CA VAL A 27 3.17 8.80 26.90
C VAL A 27 2.41 9.61 25.86
N MET A 28 1.14 9.89 26.15
CA MET A 28 0.24 10.64 25.28
C MET A 28 0.77 12.05 24.97
N ASN A 29 1.28 12.73 25.99
CA ASN A 29 1.93 14.03 25.85
C ASN A 29 3.12 13.97 24.88
N ILE A 30 3.96 12.94 25.02
CA ILE A 30 5.04 12.68 24.06
C ILE A 30 4.48 12.49 22.64
N LEU A 31 3.41 11.69 22.51
CA LEU A 31 2.79 11.40 21.20
C LEU A 31 2.19 12.65 20.53
N LEU A 32 1.50 13.46 21.33
CA LEU A 32 0.91 14.73 20.90
C LEU A 32 1.97 15.73 20.38
N GLN A 33 3.06 15.85 21.13
CA GLN A 33 4.16 16.73 20.75
C GLN A 33 4.76 16.31 19.41
N TYR A 34 4.96 15.00 19.25
CA TYR A 34 5.51 14.46 18.00
C TYR A 34 4.53 14.69 16.83
N VAL A 35 3.23 14.60 17.14
CA VAL A 35 2.17 14.81 16.15
C VAL A 35 2.24 16.22 15.61
N VAL A 36 2.20 17.21 16.51
CA VAL A 36 2.24 18.61 16.06
C VAL A 36 3.51 18.94 15.28
N LYS A 37 4.66 18.40 15.72
CA LYS A 37 5.94 18.66 15.06
C LYS A 37 5.98 18.08 13.65
N SER A 38 5.32 16.93 13.47
CA SER A 38 5.20 16.24 12.17
C SER A 38 4.63 17.16 11.10
N PHE A 39 3.79 18.10 11.50
CA PHE A 39 3.17 19.05 10.58
C PHE A 39 3.97 20.35 10.43
N ASP A 40 4.95 20.54 11.31
CA ASP A 40 5.84 21.70 11.28
C ASP A 40 6.89 21.51 10.21
N ARG A 41 6.91 22.39 9.22
CA ARG A 41 7.87 22.31 8.10
C ARG A 41 9.32 22.59 8.49
N SER A 42 9.56 23.15 9.68
CA SER A 42 10.93 23.32 10.15
C SER A 42 11.51 22.01 10.72
N THR A 43 10.64 21.04 11.04
CA THR A 43 11.04 19.70 11.48
C THR A 43 11.69 18.90 10.34
N LYS A 44 12.76 18.17 10.66
CA LYS A 44 13.38 17.25 9.70
C LYS A 44 12.50 16.03 9.48
N VAL A 45 12.38 15.61 8.21
CA VAL A 45 11.64 14.40 7.82
C VAL A 45 12.33 13.16 8.41
N ILE A 46 13.66 13.20 8.42
CA ILE A 46 14.49 12.13 8.94
C ILE A 46 15.75 12.69 9.60
N ASP A 47 16.06 12.17 10.79
CA ASP A 47 17.38 12.33 11.43
C ASP A 47 18.23 11.08 11.10
N PHE A 48 18.96 11.14 9.99
CA PHE A 48 19.58 9.94 9.42
C PHE A 48 20.86 9.44 10.11
N HIS A 49 20.87 8.14 10.40
CA HIS A 49 22.00 7.47 11.01
C HIS A 49 22.22 6.14 10.34
N TYR A 50 23.48 5.78 10.15
CA TYR A 50 23.81 4.42 9.71
C TYR A 50 23.45 3.45 10.84
N PRO A 51 23.08 2.21 10.48
CA PRO A 51 22.69 1.19 11.47
C PRO A 51 23.66 1.10 12.66
N ASN A 52 24.96 1.01 12.38
CA ASN A 52 25.99 0.99 13.42
C ASN A 52 26.02 2.25 14.30
N GLU A 53 25.85 3.42 13.68
CA GLU A 53 25.72 4.68 14.44
C GLU A 53 24.52 4.63 15.36
N LEU A 54 23.40 4.11 14.86
CA LEU A 54 22.17 4.08 15.66
C LEU A 54 22.33 3.10 16.83
N LEU A 55 22.93 1.94 16.55
CA LEU A 55 23.27 0.96 17.59
C LEU A 55 24.19 1.52 18.68
N GLN A 56 25.20 2.27 18.28
CA GLN A 56 26.14 2.87 19.23
C GLN A 56 25.56 4.10 19.94
N GLU A 57 24.57 4.74 19.32
CA GLU A 57 24.01 6.00 19.82
C GLU A 57 23.21 5.80 21.09
N TYR A 58 22.64 4.60 21.22
CA TYR A 58 21.69 4.30 22.28
C TYR A 58 21.74 2.81 22.58
N ASN A 59 21.56 2.45 23.84
CA ASN A 59 21.48 1.04 24.19
C ASN A 59 20.10 0.46 23.90
N TRP A 60 20.01 -0.41 22.90
CA TRP A 60 18.74 -1.03 22.51
C TRP A 60 18.65 -2.49 22.97
N GLU A 61 19.67 -2.96 23.67
CA GLU A 61 19.77 -4.35 24.12
C GLU A 61 18.75 -4.68 25.20
N LEU A 62 18.48 -5.98 25.35
CA LEU A 62 17.50 -6.46 26.32
C LEU A 62 18.18 -7.07 27.55
N ALA A 63 17.51 -6.99 28.70
CA ALA A 63 18.10 -7.39 29.98
C ALA A 63 17.19 -8.30 30.82
N ASP A 64 17.79 -8.97 31.81
CA ASP A 64 17.06 -9.87 32.71
C ASP A 64 16.20 -9.12 33.73
N GLN A 65 16.73 -8.00 34.22
CA GLN A 65 16.06 -7.23 35.28
C GLN A 65 15.25 -6.07 34.68
N PRO A 66 14.17 -5.66 35.36
CA PRO A 66 13.30 -4.60 34.83
C PRO A 66 13.86 -3.18 35.01
N GLN A 67 13.52 -2.29 34.09
CA GLN A 67 13.86 -0.88 34.18
C GLN A 67 12.70 -0.08 34.72
N ASN A 68 12.98 1.03 35.39
CA ASN A 68 11.91 1.89 35.91
C ASN A 68 11.20 2.66 34.80
N LEU A 69 10.04 3.22 35.14
CA LEU A 69 9.15 3.84 34.15
C LEU A 69 9.71 5.13 33.53
N GLU A 70 10.62 5.81 34.23
CA GLU A 70 11.31 6.98 33.69
C GLU A 70 12.16 6.56 32.49
N GLU A 71 12.87 5.45 32.64
CA GLU A 71 13.68 4.86 31.56
C GLU A 71 12.84 4.35 30.39
N ILE A 72 11.58 3.98 30.68
CA ILE A 72 10.64 3.50 29.67
C ILE A 72 10.10 4.66 28.85
N LEU A 73 9.78 5.77 29.54
CA LEU A 73 9.34 6.98 28.86
C LEU A 73 10.45 7.59 28.00
N MET A 74 11.71 7.41 28.42
CA MET A 74 12.84 7.88 27.63
C MET A 74 12.99 7.04 26.36
N HIS A 75 12.75 5.74 26.48
CA HIS A 75 12.78 4.84 25.34
C HIS A 75 11.78 5.26 24.27
N CYS A 76 10.58 5.62 24.72
CA CYS A 76 9.53 6.17 23.86
C CYS A 76 9.98 7.47 23.19
N GLN A 77 10.65 8.35 23.95
CA GLN A 77 11.07 9.64 23.44
C GLN A 77 12.16 9.46 22.38
N THR A 78 13.14 8.61 22.71
CA THR A 78 14.24 8.24 21.81
C THR A 78 13.76 7.56 20.53
N THR A 79 12.73 6.72 20.64
CA THR A 79 12.20 6.00 19.49
C THR A 79 11.56 6.95 18.48
N LEU A 80 10.73 7.88 18.97
CA LEU A 80 10.13 8.89 18.10
C LEU A 80 11.15 9.92 17.54
N LYS A 81 12.20 10.19 18.32
CA LYS A 81 13.34 11.00 17.86
C LYS A 81 13.92 10.50 16.53
N TYR A 82 14.19 9.20 16.45
CA TYR A 82 14.82 8.66 15.23
C TYR A 82 13.84 8.09 14.20
N ALA A 83 12.56 8.07 14.54
CA ALA A 83 11.53 7.67 13.59
C ALA A 83 11.48 8.64 12.40
N ILE A 84 11.22 8.12 11.21
CA ILE A 84 10.89 8.95 10.05
C ILE A 84 9.54 9.60 10.34
N LYS A 85 9.38 10.85 9.92
CA LYS A 85 8.12 11.58 10.08
C LYS A 85 7.24 11.35 8.86
N THR A 86 6.66 10.15 8.78
CA THR A 86 5.83 9.72 7.67
C THR A 86 4.58 10.58 7.42
N GLY A 87 4.27 11.49 8.34
CA GLY A 87 3.17 12.43 8.14
C GLY A 87 3.61 13.79 7.62
N HIS A 88 4.92 14.04 7.65
CA HIS A 88 5.52 15.31 7.23
C HIS A 88 5.09 15.73 5.82
N PRO A 89 4.81 17.03 5.60
CA PRO A 89 4.47 17.54 4.26
C PRO A 89 5.45 17.19 3.15
N ARG A 90 6.71 16.97 3.50
CA ARG A 90 7.72 16.72 2.47
C ARG A 90 8.24 15.28 2.45
N TYR A 91 7.51 14.40 3.12
CA TYR A 91 7.77 12.98 3.01
C TYR A 91 7.04 12.44 1.77
N PHE A 92 7.82 11.99 0.77
CA PHE A 92 7.30 11.52 -0.51
C PHE A 92 7.87 10.15 -0.91
N ASN A 93 8.37 9.38 0.07
CA ASN A 93 9.21 8.21 -0.18
C ASN A 93 8.49 6.92 -0.58
N GLN A 94 7.23 6.81 -0.16
CA GLN A 94 6.47 5.58 -0.36
C GLN A 94 5.08 5.94 -0.85
N LEU A 95 4.32 4.91 -1.21
CA LEU A 95 2.94 5.06 -1.65
C LEU A 95 2.02 5.46 -0.46
N SER A 96 2.29 4.85 0.71
CA SER A 96 1.66 5.21 1.97
C SER A 96 2.42 6.36 2.65
N THR A 97 1.81 7.55 2.63
CA THR A 97 2.34 8.73 3.35
C THR A 97 1.20 9.41 4.09
N GLY A 98 1.52 10.09 5.19
CA GLY A 98 0.54 10.90 5.92
C GLY A 98 0.17 10.35 7.29
N LEU A 99 -0.42 11.21 8.10
CA LEU A 99 -0.85 10.83 9.44
C LEU A 99 -2.23 11.44 9.66
N ASP A 100 -3.24 10.60 9.49
CA ASP A 100 -4.62 11.01 9.62
C ASP A 100 -5.11 10.97 11.07
N MET A 101 -5.62 12.12 11.53
CA MET A 101 -5.95 12.33 12.94
C MET A 101 -7.11 11.48 13.46
N VAL A 102 -8.19 11.38 12.70
CA VAL A 102 -9.29 10.46 13.05
C VAL A 102 -8.79 9.01 12.99
N GLY A 103 -8.08 8.67 11.91
CA GLY A 103 -7.44 7.37 11.75
C GLY A 103 -6.53 6.93 12.88
N LEU A 104 -5.76 7.88 13.43
CA LEU A 104 -4.91 7.66 14.58
C LEU A 104 -5.73 7.42 15.85
N ALA A 105 -6.72 8.28 16.07
CA ALA A 105 -7.64 8.13 17.19
C ALA A 105 -8.31 6.75 17.13
N ALA A 106 -8.74 6.34 15.93
CA ALA A 106 -9.39 5.06 15.71
C ALA A 106 -8.45 3.87 15.99
N ASP A 107 -7.18 4.05 15.64
CA ASP A 107 -6.16 3.04 15.90
C ASP A 107 -5.89 2.87 17.40
N TRP A 108 -5.91 4.01 18.11
CA TRP A 108 -5.68 4.02 19.56
C TRP A 108 -6.75 3.24 20.30
N LEU A 109 -8.00 3.45 19.90
CA LEU A 109 -9.16 2.71 20.42
C LEU A 109 -9.09 1.21 20.14
N THR A 110 -8.69 0.87 18.91
CA THR A 110 -8.59 -0.52 18.48
C THR A 110 -7.66 -1.33 19.39
N SER A 111 -6.47 -0.77 19.64
CA SER A 111 -5.50 -1.32 20.57
C SER A 111 -6.09 -1.49 21.97
N THR A 112 -6.91 -0.53 22.39
CA THR A 112 -7.52 -0.55 23.74
C THR A 112 -8.53 -1.69 23.84
N ALA A 113 -9.28 -1.90 22.76
CA ALA A 113 -10.22 -3.00 22.66
C ALA A 113 -9.50 -4.35 22.55
N ASN A 114 -8.36 -4.38 21.85
CA ASN A 114 -7.46 -5.54 21.81
C ASN A 114 -8.22 -6.89 21.75
N THR A 115 -8.91 -7.12 20.65
CA THR A 115 -9.64 -8.38 20.46
C THR A 115 -9.32 -8.98 19.09
N ASN A 116 -9.69 -10.25 18.92
CA ASN A 116 -9.50 -10.94 17.65
C ASN A 116 -10.74 -10.84 16.79
N MET A 117 -10.57 -11.00 15.50
CA MET A 117 -11.64 -10.82 14.54
C MET A 117 -12.42 -12.10 14.30
N PHE A 118 -11.91 -13.25 14.75
CA PHE A 118 -12.47 -14.51 14.25
C PHE A 118 -13.95 -14.83 14.52
N THR A 119 -14.54 -14.29 15.60
CA THR A 119 -15.98 -14.48 15.89
C THR A 119 -16.71 -13.22 16.36
N TYR A 120 -18.01 -13.18 16.03
CA TYR A 120 -18.94 -12.19 16.58
C TYR A 120 -18.93 -12.22 18.11
N GLU A 121 -18.75 -13.41 18.67
CA GLU A 121 -18.66 -13.62 20.12
C GLU A 121 -17.68 -12.69 20.86
N ILE A 122 -16.51 -12.42 20.29
CA ILE A 122 -15.55 -11.52 20.95
C ILE A 122 -15.28 -10.21 20.23
N ALA A 123 -15.78 -10.08 19.01
CA ALA A 123 -15.66 -8.82 18.28
C ALA A 123 -16.99 -8.40 17.65
N PRO A 124 -18.06 -8.29 18.47
CA PRO A 124 -19.41 -8.06 17.91
C PRO A 124 -19.55 -6.79 17.04
N VAL A 125 -19.13 -5.64 17.55
CA VAL A 125 -19.16 -4.42 16.72
C VAL A 125 -18.27 -4.55 15.47
N PHE A 126 -17.07 -5.11 15.64
CA PHE A 126 -16.08 -5.09 14.57
C PHE A 126 -16.45 -6.01 13.42
N VAL A 127 -17.11 -7.13 13.73
CA VAL A 127 -17.59 -8.03 12.69
C VAL A 127 -18.67 -7.34 11.86
N LEU A 128 -19.56 -6.60 12.53
CA LEU A 128 -20.61 -5.83 11.84
C LEU A 128 -20.03 -4.69 10.98
N LEU A 129 -19.08 -3.92 11.51
CA LEU A 129 -18.45 -2.87 10.70
C LEU A 129 -17.77 -3.46 9.44
N GLU A 130 -17.19 -4.65 9.61
CA GLU A 130 -16.51 -5.31 8.51
C GLU A 130 -17.53 -5.66 7.43
N TYR A 131 -18.67 -6.19 7.84
CA TYR A 131 -19.72 -6.43 6.86
C TYR A 131 -20.16 -5.15 6.13
N VAL A 132 -20.45 -4.07 6.87
CA VAL A 132 -20.91 -2.83 6.21
C VAL A 132 -19.83 -2.13 5.36
N THR A 133 -18.58 -2.16 5.82
CA THR A 133 -17.51 -1.43 5.14
C THR A 133 -17.15 -2.08 3.81
N LEU A 134 -17.04 -3.40 3.84
CA LEU A 134 -16.73 -4.20 2.66
C LEU A 134 -17.87 -4.23 1.63
N LYS A 135 -19.11 -4.15 2.11
CA LYS A 135 -20.27 -4.05 1.20
C LYS A 135 -20.26 -2.73 0.42
N LYS A 136 -20.09 -1.61 1.14
CA LYS A 136 -19.96 -0.30 0.51
C LYS A 136 -18.84 -0.30 -0.54
N MET A 137 -17.70 -0.90 -0.19
CA MET A 137 -16.57 -0.98 -1.12
C MET A 137 -16.96 -1.76 -2.38
N ARG A 138 -17.73 -2.83 -2.21
CA ARG A 138 -18.28 -3.57 -3.36
C ARG A 138 -19.24 -2.75 -4.23
N GLU A 139 -20.02 -1.87 -3.61
CA GLU A 139 -20.86 -0.91 -4.34
C GLU A 139 -20.01 0.09 -5.14
N ILE A 140 -19.04 0.69 -4.49
CA ILE A 140 -18.11 1.61 -5.13
C ILE A 140 -17.43 0.93 -6.33
N ILE A 141 -17.06 -0.35 -6.18
CA ILE A 141 -16.49 -1.15 -7.27
C ILE A 141 -17.47 -1.27 -8.45
N GLY A 142 -18.76 -1.45 -8.13
CA GLY A 142 -19.81 -1.52 -9.13
C GLY A 142 -20.61 -2.81 -9.14
N TRP A 143 -20.36 -3.68 -8.17
CA TRP A 143 -21.12 -4.92 -8.07
C TRP A 143 -22.52 -4.62 -7.51
N PRO A 144 -23.57 -5.13 -8.21
CA PRO A 144 -24.95 -4.64 -8.05
C PRO A 144 -25.49 -4.80 -6.64
N GLY A 145 -25.91 -3.69 -6.05
CA GLY A 145 -26.32 -3.66 -4.63
C GLY A 145 -25.23 -4.05 -3.63
N GLY A 146 -23.97 -4.04 -4.07
CA GLY A 146 -22.83 -4.38 -3.22
C GLY A 146 -22.73 -5.87 -2.93
N SER A 147 -23.33 -6.67 -3.79
CA SER A 147 -23.26 -8.12 -3.70
C SER A 147 -21.81 -8.60 -3.83
N GLY A 148 -21.55 -9.78 -3.29
CA GLY A 148 -20.23 -10.36 -3.26
C GLY A 148 -19.77 -10.64 -1.84
N ASP A 149 -18.47 -10.75 -1.69
CA ASP A 149 -17.85 -11.18 -0.47
C ASP A 149 -16.59 -10.33 -0.29
N GLY A 150 -15.98 -10.43 0.89
CA GLY A 150 -14.78 -9.66 1.17
C GLY A 150 -14.11 -10.06 2.47
N ILE A 151 -12.83 -9.70 2.57
CA ILE A 151 -12.04 -9.88 3.78
C ILE A 151 -10.99 -8.76 3.85
N PHE A 152 -10.61 -8.39 5.07
CA PHE A 152 -9.41 -7.59 5.24
C PHE A 152 -8.24 -8.56 5.39
N SER A 153 -7.15 -8.28 4.69
CA SER A 153 -5.93 -9.07 4.80
C SER A 153 -4.74 -8.27 5.36
N PRO A 154 -3.68 -8.96 5.82
CA PRO A 154 -2.50 -8.24 6.31
C PRO A 154 -1.56 -7.84 5.16
N GLY A 155 -2.05 -6.97 4.30
CA GLY A 155 -1.29 -6.50 3.15
C GLY A 155 -1.98 -6.91 1.86
N GLY A 156 -1.89 -6.03 0.87
CA GLY A 156 -2.37 -6.35 -0.47
C GLY A 156 -1.58 -7.46 -1.14
N ALA A 157 -0.33 -7.68 -0.71
CA ALA A 157 0.43 -8.83 -1.22
C ALA A 157 -0.25 -10.17 -0.86
N ILE A 158 -0.83 -10.24 0.34
CA ILE A 158 -1.54 -11.43 0.80
C ILE A 158 -2.94 -11.50 0.15
N SER A 159 -3.57 -10.33 -0.04
CA SER A 159 -4.82 -10.21 -0.80
C SER A 159 -4.62 -10.76 -2.22
N ASN A 160 -3.54 -10.35 -2.86
CA ASN A 160 -3.18 -10.94 -4.15
C ASN A 160 -3.00 -12.44 -4.02
N MET A 161 -2.32 -12.89 -2.97
CA MET A 161 -2.12 -14.33 -2.76
C MET A 161 -3.44 -15.07 -2.58
N TYR A 162 -4.36 -14.49 -1.81
CA TYR A 162 -5.73 -15.04 -1.63
C TYR A 162 -6.50 -15.15 -2.94
N ALA A 163 -6.46 -14.10 -3.76
CA ALA A 163 -7.15 -14.09 -5.05
C ALA A 163 -6.69 -15.27 -5.93
N MET A 164 -5.38 -15.49 -5.98
CA MET A 164 -4.79 -16.58 -6.73
C MET A 164 -5.19 -17.95 -6.16
N MET A 165 -5.20 -18.06 -4.84
CA MET A 165 -5.69 -19.27 -4.16
C MET A 165 -7.10 -19.60 -4.62
N ILE A 166 -7.97 -18.60 -4.57
CA ILE A 166 -9.39 -18.73 -4.85
C ILE A 166 -9.70 -18.96 -6.34
N ALA A 167 -8.98 -18.30 -7.23
CA ALA A 167 -9.09 -18.57 -8.68
C ALA A 167 -8.75 -20.02 -9.00
N ARG A 168 -7.70 -20.54 -8.35
CA ARG A 168 -7.33 -21.94 -8.50
C ARG A 168 -8.39 -22.87 -7.92
N PHE A 169 -8.80 -22.61 -6.67
CA PHE A 169 -9.82 -23.43 -6.05
C PHE A 169 -11.08 -23.46 -6.92
N LYS A 170 -11.42 -22.34 -7.53
CA LYS A 170 -12.65 -22.24 -8.32
C LYS A 170 -12.62 -23.17 -9.54
N MET A 171 -11.47 -23.20 -10.22
CA MET A 171 -11.27 -24.06 -11.38
C MET A 171 -11.00 -25.53 -11.02
N PHE A 172 -10.34 -25.76 -9.89
CA PHE A 172 -9.98 -27.11 -9.46
C PHE A 172 -10.16 -27.30 -7.96
N PRO A 173 -11.43 -27.45 -7.50
CA PRO A 173 -11.64 -27.56 -6.05
C PRO A 173 -10.88 -28.71 -5.39
N GLU A 174 -10.54 -29.74 -6.16
CA GLU A 174 -9.77 -30.88 -5.67
C GLU A 174 -8.32 -30.57 -5.20
N VAL A 175 -7.76 -29.43 -5.64
CA VAL A 175 -6.40 -29.03 -5.22
C VAL A 175 -6.24 -29.01 -3.69
N LYS A 176 -7.31 -28.63 -3.02
CA LYS A 176 -7.37 -28.50 -1.58
C LYS A 176 -6.99 -29.80 -0.89
N GLU A 177 -7.51 -30.91 -1.40
CA GLU A 177 -7.27 -32.23 -0.83
C GLU A 177 -6.03 -32.89 -1.46
N LYS A 178 -5.87 -32.71 -2.76
CA LYS A 178 -4.92 -33.51 -3.53
C LYS A 178 -3.61 -32.78 -3.87
N GLY A 179 -3.63 -31.45 -3.84
CA GLY A 179 -2.46 -30.64 -4.17
C GLY A 179 -2.30 -30.42 -5.66
N MET A 180 -1.29 -29.64 -6.02
CA MET A 180 -1.02 -29.27 -7.42
C MET A 180 -0.67 -30.46 -8.33
N ALA A 181 -0.21 -31.56 -7.74
CA ALA A 181 0.10 -32.77 -8.51
C ALA A 181 -1.11 -33.37 -9.20
N ALA A 182 -2.31 -33.04 -8.71
CA ALA A 182 -3.55 -33.55 -9.27
C ALA A 182 -3.99 -32.75 -10.48
N LEU A 183 -3.39 -31.57 -10.67
CA LEU A 183 -3.92 -30.62 -11.63
C LEU A 183 -3.13 -30.63 -12.92
N PRO A 184 -3.72 -30.07 -14.01
CA PRO A 184 -2.91 -29.79 -15.20
C PRO A 184 -1.98 -28.62 -14.87
N ARG A 185 -1.09 -28.26 -15.79
CA ARG A 185 -0.20 -27.13 -15.53
C ARG A 185 -0.96 -25.81 -15.68
N LEU A 186 -1.08 -25.12 -14.55
CA LEU A 186 -1.80 -23.85 -14.45
C LEU A 186 -0.90 -22.70 -14.88
N ILE A 187 -1.49 -21.74 -15.58
CA ILE A 187 -0.74 -20.53 -15.96
C ILE A 187 -1.51 -19.29 -15.56
N ALA A 188 -0.77 -18.34 -14.98
CA ALA A 188 -1.27 -17.03 -14.60
C ALA A 188 -0.58 -15.98 -15.46
N PHE A 189 -1.27 -14.88 -15.75
CA PHE A 189 -0.72 -13.78 -16.57
C PHE A 189 -0.82 -12.43 -15.87
N THR A 190 0.23 -11.62 -16.01
CA THR A 190 0.26 -10.30 -15.38
C THR A 190 1.23 -9.37 -16.14
N SER A 191 1.13 -8.06 -15.90
CA SER A 191 1.92 -7.15 -16.72
C SER A 191 3.38 -7.06 -16.25
N GLU A 192 4.27 -6.69 -17.17
CA GLU A 192 5.68 -6.38 -16.88
C GLU A 192 5.83 -5.29 -15.84
N HIS A 193 4.76 -4.50 -15.66
CA HIS A 193 4.76 -3.39 -14.71
C HIS A 193 4.06 -3.72 -13.39
N SER A 194 3.67 -4.98 -13.23
CA SER A 194 2.84 -5.38 -12.11
C SER A 194 3.67 -5.68 -10.86
N HIS A 195 2.99 -5.80 -9.73
CA HIS A 195 3.64 -5.91 -8.43
C HIS A 195 4.19 -7.31 -8.27
N PHE A 196 5.36 -7.42 -7.65
CA PHE A 196 6.05 -8.71 -7.47
C PHE A 196 5.31 -9.75 -6.59
N SER A 197 4.24 -9.35 -5.92
CA SER A 197 3.48 -10.27 -5.06
C SER A 197 2.84 -11.43 -5.81
N LEU A 198 2.65 -11.25 -7.11
CA LEU A 198 2.04 -12.28 -7.95
C LEU A 198 2.99 -13.46 -8.20
N LYS A 199 4.27 -13.16 -8.50
CA LYS A 199 5.31 -14.20 -8.59
C LYS A 199 5.51 -14.83 -7.21
N LYS A 200 5.68 -13.99 -6.19
CA LYS A 200 5.85 -14.48 -4.82
C LYS A 200 4.70 -15.39 -4.36
N GLY A 201 3.47 -15.00 -4.70
CA GLY A 201 2.30 -15.80 -4.37
C GLY A 201 2.31 -17.15 -5.06
N ALA A 202 2.67 -17.14 -6.34
CA ALA A 202 2.70 -18.38 -7.14
C ALA A 202 3.73 -19.37 -6.60
N ALA A 203 4.93 -18.85 -6.30
CA ALA A 203 5.97 -19.65 -5.65
C ALA A 203 5.45 -20.23 -4.32
N ALA A 204 4.88 -19.39 -3.47
CA ALA A 204 4.29 -19.86 -2.22
C ALA A 204 3.22 -20.93 -2.46
N LEU A 205 2.39 -20.76 -3.47
CA LEU A 205 1.21 -21.65 -3.64
C LEU A 205 1.54 -22.92 -4.40
N GLY A 206 2.83 -23.13 -4.67
CA GLY A 206 3.32 -24.32 -5.36
C GLY A 206 2.94 -24.31 -6.81
N ILE A 207 2.70 -23.11 -7.35
CA ILE A 207 2.36 -22.93 -8.77
C ILE A 207 3.63 -22.76 -9.63
N GLY A 208 4.65 -22.11 -9.08
CA GLY A 208 5.93 -21.90 -9.75
C GLY A 208 5.96 -20.57 -10.47
N THR A 209 6.96 -19.75 -10.20
CA THR A 209 7.14 -18.49 -10.93
C THR A 209 7.32 -18.71 -12.45
N ASP A 210 7.75 -19.91 -12.86
CA ASP A 210 7.80 -20.23 -14.30
C ASP A 210 6.42 -20.20 -14.96
N SER A 211 5.39 -20.37 -14.14
CA SER A 211 4.01 -20.42 -14.65
C SER A 211 3.29 -19.09 -14.47
N VAL A 212 4.03 -18.05 -14.13
CA VAL A 212 3.52 -16.68 -14.16
C VAL A 212 4.13 -15.99 -15.36
N ILE A 213 3.34 -15.82 -16.41
CA ILE A 213 3.82 -15.19 -17.64
C ILE A 213 3.63 -13.67 -17.64
N LEU A 214 4.69 -12.93 -17.94
CA LEU A 214 4.61 -11.48 -18.00
C LEU A 214 4.21 -10.97 -19.37
N ILE A 215 3.18 -10.14 -19.41
CA ILE A 215 2.66 -9.58 -20.66
C ILE A 215 3.32 -8.24 -20.94
N LYS A 216 3.65 -8.00 -22.21
CA LYS A 216 4.34 -6.77 -22.63
C LYS A 216 3.51 -5.54 -22.33
N CYS A 217 4.18 -4.45 -21.97
CA CYS A 217 3.50 -3.18 -21.76
C CYS A 217 3.93 -2.14 -22.80
N ASP A 218 3.07 -1.16 -23.01
CA ASP A 218 3.39 -0.04 -23.89
C ASP A 218 4.27 1.00 -23.16
N GLU A 219 4.62 2.05 -23.90
CA GLU A 219 5.47 3.15 -23.41
C GLU A 219 4.91 3.84 -22.16
N ARG A 220 3.60 3.75 -21.96
CA ARG A 220 2.90 4.39 -20.84
C ARG A 220 2.68 3.47 -19.63
N GLY A 221 3.20 2.25 -19.70
CA GLY A 221 3.12 1.28 -18.61
C GLY A 221 1.93 0.31 -18.62
N LYS A 222 1.12 0.39 -19.69
CA LYS A 222 -0.12 -0.42 -19.77
C LYS A 222 0.06 -1.72 -20.53
N MET A 223 -0.36 -2.81 -19.90
CA MET A 223 -0.46 -4.13 -20.52
C MET A 223 -1.08 -4.07 -21.93
N ILE A 224 -0.40 -4.67 -22.92
CA ILE A 224 -0.87 -4.78 -24.31
C ILE A 224 -1.86 -5.94 -24.45
N PRO A 225 -3.14 -5.64 -24.68
CA PRO A 225 -4.16 -6.69 -24.78
C PRO A 225 -3.86 -7.82 -25.78
N SER A 226 -3.21 -7.49 -26.89
CA SER A 226 -2.90 -8.49 -27.92
C SER A 226 -1.74 -9.42 -27.56
N ASP A 227 -0.84 -8.99 -26.67
CA ASP A 227 0.21 -9.88 -26.17
C ASP A 227 -0.37 -10.87 -25.15
N LEU A 228 -1.42 -10.43 -24.45
CA LEU A 228 -2.11 -11.25 -23.48
C LEU A 228 -2.80 -12.42 -24.18
N GLU A 229 -3.56 -12.11 -25.24
CA GLU A 229 -4.26 -13.13 -26.03
C GLU A 229 -3.25 -14.07 -26.71
N ARG A 230 -2.22 -13.48 -27.31
CA ARG A 230 -1.11 -14.26 -27.89
C ARG A 230 -0.58 -15.28 -26.88
N ARG A 231 -0.32 -14.81 -25.66
CA ARG A 231 0.24 -15.67 -24.62
C ARG A 231 -0.74 -16.74 -24.11
N ILE A 232 -2.01 -16.36 -23.94
CA ILE A 232 -3.06 -17.30 -23.56
C ILE A 232 -3.15 -18.43 -24.59
N LEU A 233 -3.14 -18.04 -25.87
CA LEU A 233 -3.25 -18.99 -26.99
C LEU A 233 -2.08 -19.95 -27.12
N GLU A 234 -0.87 -19.47 -26.83
CA GLU A 234 0.33 -20.32 -26.72
C GLU A 234 0.21 -21.34 -25.60
N ALA A 235 -0.26 -20.89 -24.43
CA ALA A 235 -0.42 -21.75 -23.25
C ALA A 235 -1.31 -22.95 -23.52
N LYS A 236 -2.50 -22.69 -24.07
CA LYS A 236 -3.43 -23.78 -24.38
C LYS A 236 -3.10 -24.58 -25.62
N GLN A 237 -2.17 -24.06 -26.43
CA GLN A 237 -1.64 -24.82 -27.57
C GLN A 237 -0.76 -25.94 -27.02
N LYS A 238 0.01 -25.61 -25.99
CA LYS A 238 0.88 -26.57 -25.32
C LYS A 238 0.10 -27.47 -24.38
N GLY A 239 -1.22 -27.23 -24.29
CA GLY A 239 -2.08 -28.01 -23.42
C GLY A 239 -1.97 -27.58 -21.97
N PHE A 240 -1.41 -26.39 -21.75
CA PHE A 240 -1.38 -25.77 -20.42
C PHE A 240 -2.72 -25.09 -20.16
N VAL A 241 -3.02 -24.82 -18.89
CA VAL A 241 -4.36 -24.33 -18.51
C VAL A 241 -4.30 -22.94 -17.88
N PRO A 242 -4.72 -21.92 -18.65
CA PRO A 242 -4.86 -20.56 -18.11
C PRO A 242 -5.90 -20.56 -17.02
N PHE A 243 -5.53 -20.09 -15.83
CA PHE A 243 -6.47 -19.98 -14.70
C PHE A 243 -6.64 -18.56 -14.19
N LEU A 244 -5.68 -17.69 -14.49
CA LEU A 244 -5.68 -16.35 -13.92
C LEU A 244 -5.07 -15.28 -14.81
N VAL A 245 -5.78 -14.17 -14.96
CA VAL A 245 -5.11 -12.95 -15.39
C VAL A 245 -5.27 -11.84 -14.35
N SER A 246 -4.14 -11.30 -13.94
CA SER A 246 -4.10 -10.23 -12.99
C SER A 246 -3.77 -8.91 -13.70
N ALA A 247 -4.74 -8.00 -13.69
CA ALA A 247 -4.57 -6.69 -14.29
C ALA A 247 -4.31 -5.69 -13.17
N THR A 248 -3.45 -4.71 -13.44
CA THR A 248 -3.06 -3.75 -12.42
C THR A 248 -3.74 -2.41 -12.68
N ALA A 249 -4.47 -1.94 -11.68
CA ALA A 249 -5.11 -0.65 -11.72
C ALA A 249 -4.31 0.34 -10.91
N GLY A 250 -3.23 0.84 -11.49
CA GLY A 250 -2.31 1.72 -10.77
C GLY A 250 -1.05 0.99 -10.35
N THR A 251 -0.06 1.02 -11.24
CA THR A 251 1.21 0.38 -10.97
C THR A 251 2.01 1.23 -10.01
N THR A 252 2.88 0.55 -9.29
CA THR A 252 3.76 1.14 -8.27
C THR A 252 4.73 2.22 -8.76
N VAL A 253 5.26 2.06 -9.98
CA VAL A 253 6.21 3.04 -10.50
C VAL A 253 5.52 4.10 -11.37
N TYR A 254 5.07 3.72 -12.57
CA TYR A 254 4.43 4.68 -13.48
C TYR A 254 3.05 5.15 -13.01
N GLY A 255 2.41 4.37 -12.14
CA GLY A 255 1.03 4.64 -11.77
C GLY A 255 0.09 4.33 -12.93
N ALA A 256 0.48 3.38 -13.79
CA ALA A 256 -0.27 3.04 -15.01
C ALA A 256 -1.48 2.16 -14.71
N PHE A 257 -2.49 2.26 -15.56
CA PHE A 257 -3.74 1.52 -15.40
C PHE A 257 -3.91 0.61 -16.60
N ASP A 258 -4.00 -0.70 -16.35
CA ASP A 258 -4.22 -1.64 -17.46
C ASP A 258 -5.62 -1.43 -18.07
N PRO A 259 -5.78 -1.75 -19.36
CA PRO A 259 -7.10 -1.52 -19.97
C PRO A 259 -8.08 -2.63 -19.60
N LEU A 260 -8.85 -2.40 -18.55
CA LEU A 260 -9.68 -3.41 -17.91
C LEU A 260 -10.80 -3.98 -18.80
N LEU A 261 -11.39 -3.13 -19.63
CA LEU A 261 -12.48 -3.51 -20.53
C LEU A 261 -12.03 -4.49 -21.61
N ALA A 262 -10.77 -4.38 -22.02
CA ALA A 262 -10.19 -5.28 -23.01
C ALA A 262 -9.72 -6.61 -22.40
N VAL A 263 -9.13 -6.57 -21.21
CA VAL A 263 -8.74 -7.80 -20.51
C VAL A 263 -9.96 -8.58 -20.02
N ALA A 264 -10.98 -7.84 -19.57
CA ALA A 264 -12.27 -8.43 -19.19
C ALA A 264 -12.83 -9.25 -20.36
N ASP A 265 -12.74 -8.67 -21.56
CA ASP A 265 -13.17 -9.29 -22.82
C ASP A 265 -12.38 -10.52 -23.18
N ILE A 266 -11.08 -10.49 -22.87
CA ILE A 266 -10.20 -11.63 -23.11
C ILE A 266 -10.51 -12.73 -22.09
N CYS A 267 -10.80 -12.32 -20.85
CA CYS A 267 -11.14 -13.25 -19.78
C CYS A 267 -12.52 -13.89 -19.96
N LYS A 268 -13.43 -13.15 -20.56
CA LYS A 268 -14.74 -13.64 -21.01
C LYS A 268 -14.56 -14.66 -22.14
N LYS A 269 -13.77 -14.29 -23.14
CA LYS A 269 -13.50 -15.15 -24.29
C LYS A 269 -12.93 -16.51 -23.87
N TYR A 270 -11.92 -16.49 -23.00
CA TYR A 270 -11.18 -17.70 -22.65
C TYR A 270 -11.62 -18.36 -21.35
N LYS A 271 -12.62 -17.78 -20.70
CA LYS A 271 -13.22 -18.28 -19.45
C LYS A 271 -12.19 -18.38 -18.34
N ILE A 272 -11.55 -17.24 -18.08
CA ILE A 272 -10.48 -17.14 -17.10
C ILE A 272 -10.87 -16.13 -16.03
N TRP A 273 -10.53 -16.43 -14.78
CA TRP A 273 -10.67 -15.50 -13.65
C TRP A 273 -9.91 -14.20 -13.93
N MET A 274 -10.61 -13.08 -13.78
CA MET A 274 -10.01 -11.74 -13.83
C MET A 274 -9.81 -11.16 -12.42
N HIS A 275 -8.57 -10.94 -12.04
CA HIS A 275 -8.27 -10.25 -10.79
C HIS A 275 -7.80 -8.84 -11.12
N VAL A 276 -8.21 -7.87 -10.29
CA VAL A 276 -7.65 -6.52 -10.41
C VAL A 276 -6.86 -6.15 -9.15
N ASP A 277 -5.55 -5.98 -9.33
CA ASP A 277 -4.72 -5.42 -8.27
C ASP A 277 -4.92 -3.90 -8.27
N ALA A 278 -5.87 -3.45 -7.47
CA ALA A 278 -6.10 -2.02 -7.28
C ALA A 278 -5.59 -1.53 -5.90
N ALA A 279 -4.56 -2.19 -5.37
CA ALA A 279 -3.96 -1.81 -4.09
C ALA A 279 -3.70 -0.31 -4.01
N TRP A 280 -3.13 0.24 -5.08
CA TRP A 280 -2.75 1.64 -5.18
C TRP A 280 -3.85 2.46 -5.89
N GLY A 281 -4.34 1.96 -7.01
CA GLY A 281 -5.32 2.68 -7.83
C GLY A 281 -6.74 2.73 -7.29
N GLY A 282 -7.07 1.84 -6.35
CA GLY A 282 -8.41 1.75 -5.75
C GLY A 282 -8.98 3.04 -5.18
N GLY A 283 -8.12 3.93 -4.68
CA GLY A 283 -8.56 5.24 -4.16
C GLY A 283 -9.28 6.10 -5.19
N LEU A 284 -8.87 6.02 -6.45
CA LEU A 284 -9.50 6.80 -7.53
C LEU A 284 -10.96 6.39 -7.79
N LEU A 285 -11.38 5.27 -7.23
CA LEU A 285 -12.77 4.81 -7.30
C LEU A 285 -13.69 5.69 -6.46
N MET A 286 -13.09 6.42 -5.53
CA MET A 286 -13.81 7.39 -4.70
C MET A 286 -14.03 8.72 -5.42
N SER A 287 -13.38 8.89 -6.57
CA SER A 287 -13.42 10.14 -7.33
C SER A 287 -14.28 10.00 -8.57
N ARG A 288 -15.40 10.74 -8.61
CA ARG A 288 -16.26 10.79 -9.81
C ARG A 288 -15.49 11.27 -11.04
N LYS A 289 -14.55 12.19 -10.81
CA LYS A 289 -13.69 12.72 -11.88
C LYS A 289 -12.70 11.67 -12.40
N HIS A 290 -12.13 10.86 -11.51
CA HIS A 290 -11.04 9.97 -11.90
C HIS A 290 -11.35 8.48 -12.06
N LYS A 291 -12.54 8.05 -11.63
CA LYS A 291 -12.84 6.61 -11.57
C LYS A 291 -12.84 5.92 -12.93
N TRP A 292 -13.06 6.68 -13.99
CA TRP A 292 -13.06 6.16 -15.36
C TRP A 292 -11.77 5.41 -15.70
N LYS A 293 -10.69 5.73 -14.98
CA LYS A 293 -9.41 5.02 -15.11
C LYS A 293 -9.52 3.55 -14.70
N LEU A 294 -10.55 3.23 -13.90
CA LEU A 294 -10.81 1.86 -13.48
C LEU A 294 -12.03 1.24 -14.15
N SER A 295 -12.45 1.82 -15.28
CA SER A 295 -13.60 1.29 -16.01
C SER A 295 -13.36 -0.17 -16.37
N GLY A 296 -14.30 -1.04 -16.00
CA GLY A 296 -14.17 -2.47 -16.27
C GLY A 296 -13.90 -3.30 -15.04
N VAL A 297 -13.54 -2.64 -13.93
CA VAL A 297 -13.35 -3.29 -12.61
C VAL A 297 -14.61 -4.00 -12.14
N GLU A 298 -15.77 -3.57 -12.67
CA GLU A 298 -17.05 -4.14 -12.26
C GLU A 298 -17.22 -5.53 -12.85
N ARG A 299 -16.41 -5.83 -13.86
CA ARG A 299 -16.41 -7.12 -14.54
C ARG A 299 -15.43 -8.14 -13.95
N ALA A 300 -14.71 -7.73 -12.91
CA ALA A 300 -13.65 -8.52 -12.30
C ALA A 300 -14.20 -9.52 -11.30
N ASN A 301 -13.62 -10.72 -11.31
CA ASN A 301 -13.97 -11.73 -10.31
C ASN A 301 -13.47 -11.39 -8.91
N SER A 302 -12.32 -10.71 -8.83
CA SER A 302 -11.79 -10.26 -7.53
C SER A 302 -11.11 -8.92 -7.67
N VAL A 303 -11.07 -8.17 -6.58
CA VAL A 303 -10.30 -6.91 -6.53
C VAL A 303 -9.56 -6.79 -5.20
N THR A 304 -8.31 -6.33 -5.29
CA THR A 304 -7.49 -5.92 -4.13
C THR A 304 -7.48 -4.38 -4.03
N TRP A 305 -7.61 -3.86 -2.82
CA TRP A 305 -7.74 -2.43 -2.63
C TRP A 305 -7.16 -2.15 -1.26
N ASN A 306 -6.24 -1.18 -1.21
CA ASN A 306 -5.57 -0.81 0.02
C ASN A 306 -5.93 0.61 0.46
N PRO A 307 -6.98 0.73 1.29
CA PRO A 307 -7.29 2.03 1.87
C PRO A 307 -6.10 2.64 2.64
N HIS A 308 -5.14 1.80 3.06
CA HIS A 308 -3.98 2.34 3.76
C HIS A 308 -3.03 3.14 2.84
N1 LLP A 309 0.21 -4.35 -5.62
C2 LLP A 309 0.33 -2.99 -5.83
C2' LLP A 309 0.06 -2.43 -7.20
C3 LLP A 309 0.71 -2.15 -4.78
O3 LLP A 309 0.80 -0.93 -4.97
C4 LLP A 309 0.95 -2.69 -3.52
C4' LLP A 309 1.34 -1.80 -2.36
C5 LLP A 309 0.81 -4.07 -3.32
C6 LLP A 309 0.44 -4.90 -4.38
C5' LLP A 309 1.09 -4.69 -2.01
OP4 LLP A 309 0.49 -4.14 -0.83
P LLP A 309 1.08 -4.38 0.65
OP1 LLP A 309 -0.07 -3.81 1.37
OP2 LLP A 309 1.31 -5.84 0.80
OP3 LLP A 309 2.34 -3.60 0.72
N LLP A 309 -3.19 3.00 1.53
CA LLP A 309 -2.42 3.83 0.59
CB LLP A 309 -2.07 3.05 -0.68
CG LLP A 309 -1.17 1.85 -0.40
CD LLP A 309 -0.54 1.26 -1.65
CE LLP A 309 0.43 0.13 -1.32
NZ LLP A 309 0.88 -0.56 -2.57
C LLP A 309 -3.07 5.21 0.33
O LLP A 309 -2.87 6.13 1.14
N MET A 310 -3.86 5.35 -0.72
CA MET A 310 -4.42 6.66 -1.09
C MET A 310 -5.49 7.26 -0.15
N MET A 311 -6.21 6.40 0.57
CA MET A 311 -7.27 6.89 1.46
C MET A 311 -6.76 7.29 2.85
N GLY A 312 -5.49 6.99 3.16
CA GLY A 312 -4.85 7.48 4.38
C GLY A 312 -5.17 6.77 5.69
N VAL A 313 -5.76 5.59 5.60
CA VAL A 313 -6.01 4.78 6.79
C VAL A 313 -4.66 4.35 7.38
N PRO A 314 -4.47 4.50 8.70
CA PRO A 314 -3.17 4.04 9.24
C PRO A 314 -2.85 2.59 8.90
N LEU A 315 -1.55 2.32 8.84
CA LEU A 315 -0.96 1.10 8.27
C LEU A 315 -1.61 -0.23 8.62
N GLN A 316 -1.81 -0.96 7.52
CA GLN A 316 -2.55 -2.20 7.36
C GLN A 316 -4.06 -2.05 7.36
N CYS A 317 -4.50 -1.64 6.18
CA CYS A 317 -5.87 -1.72 5.80
C CYS A 317 -5.81 -2.15 4.36
N SER A 318 -5.97 -3.44 4.14
CA SER A 318 -6.01 -4.01 2.81
C SER A 318 -7.20 -4.94 2.71
N ALA A 319 -7.97 -4.81 1.64
CA ALA A 319 -9.14 -5.67 1.43
C ALA A 319 -9.02 -6.48 0.16
N LEU A 320 -9.50 -7.72 0.21
CA LEU A 320 -9.81 -8.46 -1.01
C LEU A 320 -11.33 -8.56 -1.14
N LEU A 321 -11.84 -8.26 -2.33
CA LEU A 321 -13.25 -8.36 -2.66
C LEU A 321 -13.41 -9.40 -3.75
N VAL A 322 -14.37 -10.30 -3.54
CA VAL A 322 -14.65 -11.42 -4.43
C VAL A 322 -16.15 -11.35 -4.78
N ARG A 323 -16.47 -11.45 -6.06
CA ARG A 323 -17.85 -11.30 -6.52
C ARG A 323 -18.73 -12.49 -6.18
N GLU A 324 -18.21 -13.70 -6.33
CA GLU A 324 -18.99 -14.90 -6.03
C GLU A 324 -19.02 -15.15 -4.51
N GLU A 325 -20.22 -15.02 -3.94
CA GLU A 325 -20.44 -15.26 -2.52
C GLU A 325 -20.33 -16.75 -2.20
N GLY A 326 -19.78 -17.07 -1.04
CA GLY A 326 -19.56 -18.45 -0.62
C GLY A 326 -18.23 -19.11 -1.02
N LEU A 327 -17.61 -18.60 -2.09
CA LEU A 327 -16.35 -19.13 -2.62
C LEU A 327 -15.20 -19.16 -1.60
N MET A 328 -14.97 -18.02 -0.95
CA MET A 328 -13.90 -17.87 0.05
C MET A 328 -13.99 -18.88 1.20
N GLN A 329 -15.18 -19.06 1.75
CA GLN A 329 -15.43 -20.03 2.81
C GLN A 329 -15.16 -21.45 2.30
N ASN A 330 -15.73 -21.78 1.14
CA ASN A 330 -15.53 -23.10 0.55
C ASN A 330 -14.03 -23.42 0.40
N CYS A 331 -13.29 -22.45 -0.14
CA CYS A 331 -11.85 -22.56 -0.34
C CYS A 331 -11.11 -22.80 0.98
N ASN A 332 -11.35 -21.93 1.96
CA ASN A 332 -10.54 -21.91 3.17
C ASN A 332 -10.98 -22.81 4.33
N GLN A 333 -12.25 -23.15 4.41
CA GLN A 333 -12.75 -23.96 5.52
C GLN A 333 -12.11 -25.35 5.51
N MET A 334 -11.84 -25.91 6.68
CA MET A 334 -11.28 -27.26 6.73
C MET A 334 -12.35 -28.33 6.98
N HIS A 335 -13.44 -27.92 7.64
CA HIS A 335 -14.61 -28.77 7.84
C HIS A 335 -15.90 -28.00 7.56
N ASP A 347 -26.60 -17.37 15.46
CA ASP A 347 -26.38 -17.02 14.06
C ASP A 347 -24.90 -17.10 13.70
N LEU A 348 -24.49 -18.24 13.17
CA LEU A 348 -23.08 -18.52 12.87
C LEU A 348 -22.55 -17.79 11.63
N SER A 349 -23.44 -17.15 10.88
CA SER A 349 -23.10 -16.44 9.65
C SER A 349 -22.09 -15.31 9.88
N TYR A 350 -21.91 -14.92 11.14
CA TYR A 350 -20.99 -13.86 11.52
C TYR A 350 -19.57 -14.38 11.80
N ASP A 351 -19.37 -15.69 11.64
CA ASP A 351 -18.04 -16.34 11.63
C ASP A 351 -17.93 -17.22 10.36
N THR A 352 -17.12 -16.92 9.33
CA THR A 352 -16.10 -15.84 9.14
C THR A 352 -14.64 -16.22 9.47
N GLY A 353 -14.44 -17.02 10.52
CA GLY A 353 -13.10 -17.47 10.89
C GLY A 353 -12.41 -18.33 9.84
N ASP A 354 -13.20 -19.16 9.15
CA ASP A 354 -12.69 -20.10 8.15
C ASP A 354 -12.82 -19.56 6.72
N LYS A 355 -12.86 -18.23 6.61
CA LYS A 355 -12.90 -17.58 5.31
C LYS A 355 -11.48 -17.30 4.80
N ALA A 356 -10.54 -17.14 5.72
CA ALA A 356 -9.16 -16.77 5.36
C ALA A 356 -8.13 -17.78 5.83
N LEU A 357 -6.87 -17.51 5.49
CA LEU A 357 -5.73 -18.30 5.97
C LEU A 357 -5.40 -18.02 7.43
N GLN A 358 -5.44 -16.74 7.82
CA GLN A 358 -5.17 -16.34 9.20
C GLN A 358 -6.12 -17.02 10.19
N CYS A 359 -5.67 -17.13 11.43
CA CYS A 359 -6.51 -17.55 12.52
C CYS A 359 -6.75 -16.29 13.31
N GLY A 360 -5.83 -15.98 14.22
CA GLY A 360 -5.76 -14.67 14.83
C GLY A 360 -5.77 -13.62 13.73
N ARG A 361 -6.54 -12.56 13.94
CA ARG A 361 -6.61 -11.48 12.98
C ARG A 361 -6.82 -10.17 13.70
N HIS A 362 -5.99 -9.19 13.34
CA HIS A 362 -6.04 -7.88 13.96
C HIS A 362 -7.21 -7.08 13.40
N VAL A 363 -7.83 -6.27 14.25
CA VAL A 363 -8.93 -5.40 13.85
C VAL A 363 -8.39 -4.18 13.08
N ASP A 364 -8.66 -4.14 11.77
CA ASP A 364 -8.26 -3.04 10.91
C ASP A 364 -9.46 -2.25 10.39
N VAL A 365 -10.66 -2.83 10.51
CA VAL A 365 -11.87 -2.18 10.00
C VAL A 365 -12.22 -0.84 10.68
N PHE A 366 -12.03 -0.74 11.99
CA PHE A 366 -12.51 0.42 12.74
C PHE A 366 -11.86 1.71 12.29
N LYS A 367 -10.57 1.65 11.97
CA LYS A 367 -9.87 2.84 11.51
C LYS A 367 -10.42 3.34 10.17
N LEU A 368 -10.75 2.41 9.27
CA LEU A 368 -11.39 2.78 8.00
C LEU A 368 -12.83 3.31 8.22
N TRP A 369 -13.60 2.59 9.02
CA TRP A 369 -15.00 2.95 9.28
C TRP A 369 -15.16 4.33 9.97
N LEU A 370 -14.38 4.60 11.03
CA LEU A 370 -14.43 5.91 11.70
C LEU A 370 -14.06 7.07 10.78
N MET A 371 -12.96 6.91 10.03
CA MET A 371 -12.57 7.86 8.99
C MET A 371 -13.65 8.08 7.94
N TRP A 372 -14.23 7.01 7.42
CA TRP A 372 -15.32 7.09 6.47
C TRP A 372 -16.48 7.86 7.10
N ARG A 373 -16.72 7.65 8.38
CA ARG A 373 -17.77 8.32 9.11
C ARG A 373 -17.46 9.81 9.23
N ALA A 374 -16.22 10.11 9.61
CA ALA A 374 -15.78 11.48 9.87
C ALA A 374 -15.63 12.32 8.61
N LYS A 375 -15.35 11.67 7.50
CA LYS A 375 -15.06 12.33 6.23
C LYS A 375 -16.20 12.25 5.22
N GLY A 376 -16.99 11.18 5.31
CA GLY A 376 -17.97 10.84 4.29
C GLY A 376 -17.26 10.40 3.02
N THR A 377 -18.00 9.76 2.13
CA THR A 377 -17.49 9.39 0.81
C THR A 377 -16.97 10.62 0.07
N THR A 378 -17.67 11.75 0.21
CA THR A 378 -17.25 13.03 -0.39
C THR A 378 -15.88 13.50 0.10
N GLY A 379 -15.58 13.26 1.38
CA GLY A 379 -14.28 13.59 1.96
C GLY A 379 -13.14 12.86 1.31
N PHE A 380 -13.30 11.54 1.14
CA PHE A 380 -12.27 10.73 0.48
C PHE A 380 -12.09 11.20 -0.95
N GLU A 381 -13.22 11.45 -1.62
CA GLU A 381 -13.22 12.01 -2.96
C GLU A 381 -12.36 13.27 -3.05
N ALA A 382 -12.63 14.25 -2.19
CA ALA A 382 -11.96 15.55 -2.26
C ALA A 382 -10.46 15.40 -2.07
N HIS A 383 -10.09 14.49 -1.17
CA HIS A 383 -8.70 14.22 -0.86
C HIS A 383 -7.97 13.57 -2.04
N VAL A 384 -8.56 12.53 -2.61
CA VAL A 384 -8.03 11.86 -3.79
C VAL A 384 -7.76 12.89 -4.92
N ASP A 385 -8.70 13.80 -5.15
CA ASP A 385 -8.55 14.86 -6.17
C ASP A 385 -7.48 15.90 -5.85
N LYS A 386 -7.32 16.19 -4.56
CA LYS A 386 -6.33 17.17 -4.10
C LYS A 386 -4.94 16.64 -4.42
N CYS A 387 -4.72 15.35 -4.15
CA CYS A 387 -3.45 14.70 -4.45
C CYS A 387 -3.16 14.68 -5.96
N LEU A 388 -4.18 14.32 -6.74
CA LEU A 388 -4.01 14.15 -8.19
C LEU A 388 -3.71 15.44 -8.93
N GLU A 389 -4.32 16.54 -8.46
CA GLU A 389 -4.07 17.86 -9.01
C GLU A 389 -2.65 18.29 -8.65
N LEU A 390 -2.23 17.99 -7.43
CA LEU A 390 -0.89 18.35 -6.98
C LEU A 390 0.19 17.65 -7.81
N ALA A 391 -0.09 16.40 -8.18
CA ALA A 391 0.76 15.66 -9.11
C ALA A 391 0.76 16.30 -10.51
N GLU A 392 -0.40 16.81 -10.92
CA GLU A 392 -0.55 17.58 -12.16
C GLU A 392 0.26 18.87 -12.08
N TYR A 393 0.25 19.52 -10.91
CA TYR A 393 1.04 20.72 -10.66
C TYR A 393 2.56 20.43 -10.77
N LEU A 394 2.97 19.27 -10.29
CA LEU A 394 4.37 18.85 -10.37
C LEU A 394 4.71 18.59 -11.83
N TYR A 395 3.90 17.73 -12.47
CA TYR A 395 4.10 17.35 -13.87
C TYR A 395 4.18 18.56 -14.80
N ASN A 396 3.30 19.54 -14.61
CA ASN A 396 3.31 20.73 -15.46
C ASN A 396 4.51 21.64 -15.27
N ILE A 397 5.08 21.65 -14.07
CA ILE A 397 6.28 22.46 -13.80
C ILE A 397 7.51 21.82 -14.42
N ILE A 398 7.73 20.53 -14.14
CA ILE A 398 8.96 19.86 -14.57
C ILE A 398 8.97 19.54 -16.06
N LYS A 399 7.78 19.31 -16.60
CA LYS A 399 7.57 19.11 -18.03
C LYS A 399 8.15 20.26 -18.85
N ASN A 400 8.04 21.48 -18.32
CA ASN A 400 8.54 22.68 -18.99
C ASN A 400 9.77 23.29 -18.30
N ARG A 401 10.43 22.53 -17.44
CA ARG A 401 11.58 23.04 -16.69
C ARG A 401 12.91 22.46 -17.15
N GLU A 402 13.88 23.35 -17.36
CA GLU A 402 15.24 23.00 -17.75
C GLU A 402 15.90 22.09 -16.72
N GLY A 403 16.48 20.98 -17.18
CA GLY A 403 17.16 20.04 -16.32
C GLY A 403 16.33 18.81 -15.99
N TYR A 404 15.05 18.85 -16.36
CA TYR A 404 14.09 17.81 -16.02
C TYR A 404 13.54 17.11 -17.26
N GLU A 405 13.78 15.80 -17.38
CA GLU A 405 13.31 15.02 -18.51
C GLU A 405 12.40 13.90 -18.03
N MET A 406 11.20 13.82 -18.62
CA MET A 406 10.23 12.79 -18.25
C MET A 406 10.70 11.40 -18.69
N VAL A 407 10.35 10.40 -17.90
CA VAL A 407 10.83 9.04 -18.08
C VAL A 407 10.10 8.32 -19.23
N PHE A 408 8.84 8.68 -19.43
CA PHE A 408 8.04 8.20 -20.55
C PHE A 408 7.16 9.33 -21.00
N ASP A 409 6.73 9.29 -22.24
CA ASP A 409 5.79 10.29 -22.73
C ASP A 409 4.37 9.84 -22.45
N GLY A 410 3.58 10.75 -21.89
CA GLY A 410 2.19 10.51 -21.55
C GLY A 410 1.95 11.05 -20.15
N LYS A 411 0.88 11.83 -19.98
CA LYS A 411 0.61 12.45 -18.69
C LYS A 411 0.20 11.42 -17.59
N PRO A 412 0.67 11.63 -16.34
CA PRO A 412 0.48 10.74 -15.18
C PRO A 412 -0.95 10.32 -14.96
N GLN A 413 -1.18 9.12 -14.42
CA GLN A 413 -2.54 8.55 -14.37
C GLN A 413 -3.53 8.61 -13.18
N HIS A 414 -3.28 8.99 -11.93
CA HIS A 414 -2.13 8.82 -11.00
C HIS A 414 -1.21 9.96 -10.51
N THR A 415 -0.88 9.88 -9.23
CA THR A 415 0.02 10.82 -8.57
C THR A 415 1.51 10.48 -8.76
N ASN A 416 1.82 9.32 -9.35
CA ASN A 416 3.20 8.99 -9.69
C ASN A 416 3.75 9.91 -10.79
N VAL A 417 4.84 10.62 -10.48
CA VAL A 417 5.54 11.40 -11.49
C VAL A 417 6.99 10.90 -11.56
N CYS A 418 7.36 10.36 -12.72
CA CYS A 418 8.66 9.75 -12.94
C CYS A 418 9.56 10.65 -13.79
N PHE A 419 10.74 10.98 -13.26
CA PHE A 419 11.63 11.95 -13.90
C PHE A 419 13.10 11.77 -13.57
N TRP A 420 13.93 12.32 -14.45
CA TRP A 420 15.34 12.48 -14.16
C TRP A 420 15.59 13.95 -13.89
N TYR A 421 16.53 14.24 -12.99
CA TYR A 421 17.13 15.57 -12.94
C TYR A 421 18.50 15.47 -13.59
N ILE A 422 18.73 16.31 -14.60
CA ILE A 422 20.03 16.36 -15.27
C ILE A 422 20.77 17.62 -14.79
N PRO A 423 21.83 17.43 -13.98
CA PRO A 423 22.53 18.59 -13.40
C PRO A 423 23.18 19.43 -14.49
N PRO A 424 23.36 20.75 -14.25
CA PRO A 424 23.87 21.64 -15.30
C PRO A 424 25.12 21.13 -16.00
N SER A 425 25.89 20.27 -15.32
CA SER A 425 27.13 19.72 -15.85
C SER A 425 26.95 18.40 -16.63
N LEU A 426 25.81 18.24 -17.29
CA LEU A 426 25.49 17.00 -18.01
C LEU A 426 24.55 17.19 -19.19
N ARG A 427 23.89 18.35 -19.24
CA ARG A 427 22.82 18.60 -20.21
C ARG A 427 23.22 18.57 -21.69
N THR A 428 24.38 19.13 -22.00
CA THR A 428 24.84 19.27 -23.38
C THR A 428 26.00 18.33 -23.69
N LEU A 429 26.09 17.24 -22.93
CA LEU A 429 27.16 16.27 -23.10
C LEU A 429 26.84 15.35 -24.28
N GLU A 430 27.80 15.21 -25.19
CA GLU A 430 27.60 14.43 -26.41
C GLU A 430 27.79 12.93 -26.17
N GLU A 434 26.30 8.64 -24.29
CA GLU A 434 26.37 7.80 -23.09
C GLU A 434 26.73 8.59 -21.84
N ARG A 435 26.06 9.74 -21.67
CA ARG A 435 26.10 10.50 -20.43
C ARG A 435 24.97 9.97 -19.55
N MET A 436 24.38 8.86 -20.01
CA MET A 436 23.38 8.11 -19.27
C MET A 436 24.02 7.43 -18.06
N SER A 437 25.24 6.94 -18.26
CA SER A 437 26.04 6.30 -17.22
C SER A 437 26.25 7.24 -16.02
N ARG A 438 26.47 8.51 -16.33
CA ARG A 438 26.62 9.54 -15.31
C ARG A 438 25.26 9.96 -14.74
N LEU A 439 24.22 9.87 -15.57
CA LEU A 439 22.87 10.17 -15.11
C LEU A 439 22.39 9.08 -14.14
N SER A 440 22.78 7.85 -14.41
CA SER A 440 22.44 6.70 -13.59
C SER A 440 22.80 6.92 -12.12
N LYS A 441 23.74 7.82 -11.87
CA LYS A 441 24.34 7.98 -10.53
C LYS A 441 23.87 9.23 -9.81
N VAL A 442 23.07 10.04 -10.50
CA VAL A 442 22.59 11.32 -9.98
C VAL A 442 21.54 11.16 -8.86
N ALA A 443 20.51 10.34 -9.12
CA ALA A 443 19.44 10.14 -8.13
C ALA A 443 19.96 9.54 -6.82
N PRO A 444 20.78 8.46 -6.89
CA PRO A 444 21.37 7.95 -5.64
C PRO A 444 22.12 9.00 -4.81
N VAL A 445 22.85 9.91 -5.45
CA VAL A 445 23.60 10.95 -4.72
C VAL A 445 22.65 12.00 -4.13
N ILE A 446 21.70 12.48 -4.94
CA ILE A 446 20.69 13.41 -4.44
C ILE A 446 19.96 12.80 -3.24
N LYS A 447 19.45 11.58 -3.41
CA LYS A 447 18.73 10.89 -2.35
C LYS A 447 19.55 10.84 -1.07
N ALA A 448 20.82 10.41 -1.21
CA ALA A 448 21.73 10.37 -0.07
C ALA A 448 21.80 11.74 0.61
N ARG A 449 21.91 12.80 -0.18
CA ARG A 449 22.01 14.17 0.36
C ARG A 449 20.70 14.65 0.97
N MET A 450 19.57 14.25 0.39
CA MET A 450 18.22 14.48 0.96
C MET A 450 18.12 13.98 2.39
N MET A 451 18.61 12.76 2.63
CA MET A 451 18.58 12.10 3.93
C MET A 451 19.61 12.66 4.93
N GLU A 452 20.81 12.98 4.44
CA GLU A 452 21.82 13.61 5.28
C GLU A 452 21.33 14.96 5.79
N TYR A 453 20.64 15.71 4.93
CA TYR A 453 20.08 16.99 5.36
C TYR A 453 18.69 16.90 5.99
N GLY A 454 17.94 15.84 5.64
CA GLY A 454 16.63 15.55 6.23
C GLY A 454 15.51 16.48 5.78
N THR A 455 15.60 16.95 4.54
CA THR A 455 14.71 18.00 4.05
C THR A 455 13.48 17.43 3.33
N THR A 456 13.66 16.26 2.74
CA THR A 456 12.61 15.58 1.99
C THR A 456 13.08 14.15 1.81
N MET A 457 12.19 13.29 1.34
CA MET A 457 12.55 11.93 0.94
C MET A 457 11.74 11.57 -0.28
N VAL A 458 12.40 11.06 -1.31
CA VAL A 458 11.75 10.62 -2.54
C VAL A 458 12.40 9.31 -2.94
N SER A 459 11.63 8.38 -3.46
CA SER A 459 12.24 7.15 -3.98
C SER A 459 12.69 7.34 -5.43
N TYR A 460 13.77 6.63 -5.78
CA TYR A 460 14.27 6.55 -7.14
C TYR A 460 14.47 5.07 -7.44
N GLN A 461 14.44 4.70 -8.72
CA GLN A 461 14.70 3.33 -9.13
C GLN A 461 14.95 3.26 -10.62
N PRO A 462 15.58 2.18 -11.11
CA PRO A 462 15.56 1.93 -12.53
C PRO A 462 14.34 1.09 -12.92
N LEU A 463 13.97 1.10 -14.20
CA LEU A 463 12.89 0.24 -14.68
C LEU A 463 13.13 -0.14 -16.13
N GLY A 464 13.33 -1.44 -16.38
CA GLY A 464 13.58 -1.93 -17.73
C GLY A 464 14.86 -1.32 -18.26
N ASP A 465 14.74 -0.61 -19.39
CA ASP A 465 15.90 0.02 -20.05
C ASP A 465 16.17 1.43 -19.55
N LYS A 466 15.41 1.88 -18.55
CA LYS A 466 15.60 3.20 -17.94
C LYS A 466 16.54 3.09 -16.74
N VAL A 467 17.44 4.07 -16.60
CA VAL A 467 18.35 4.13 -15.46
C VAL A 467 17.71 4.89 -14.31
N ASN A 468 18.31 4.77 -13.13
CA ASN A 468 17.83 5.42 -11.90
C ASN A 468 17.11 6.73 -12.16
N PHE A 469 15.80 6.72 -11.93
CA PHE A 469 14.99 7.92 -12.01
C PHE A 469 14.15 8.10 -10.76
N PHE A 470 13.85 9.34 -10.41
CA PHE A 470 13.00 9.66 -9.27
C PHE A 470 11.57 9.26 -9.57
N ARG A 471 10.95 8.54 -8.63
CA ARG A 471 9.52 8.30 -8.71
C ARG A 471 8.82 9.06 -7.60
N MET A 472 8.38 10.25 -7.95
CA MET A 472 7.65 11.08 -7.04
C MET A 472 6.23 10.51 -6.93
N VAL A 473 5.65 10.60 -5.74
CA VAL A 473 4.28 10.14 -5.44
C VAL A 473 3.59 11.05 -4.42
N ILE A 474 2.29 11.32 -4.62
CA ILE A 474 1.54 12.12 -3.65
C ILE A 474 0.33 11.37 -3.09
N SER A 475 0.22 11.31 -1.77
CA SER A 475 -0.92 10.70 -1.09
C SER A 475 -1.18 11.35 0.28
N ASN A 476 -0.29 12.26 0.66
CA ASN A 476 -0.35 12.93 1.95
C ASN A 476 -1.25 14.18 1.82
N PRO A 477 -2.26 14.29 2.70
CA PRO A 477 -3.08 15.52 2.77
C PRO A 477 -2.33 16.77 3.22
N ALA A 478 -1.21 16.59 3.93
CA ALA A 478 -0.42 17.72 4.43
C ALA A 478 0.50 18.37 3.37
N ALA A 479 0.66 17.70 2.23
CA ALA A 479 1.49 18.22 1.13
C ALA A 479 0.73 19.27 0.32
N THR A 480 1.35 20.45 0.19
CA THR A 480 0.73 21.58 -0.50
C THR A 480 1.53 21.99 -1.77
N HIS A 481 1.13 23.08 -2.40
CA HIS A 481 1.86 23.59 -3.59
C HIS A 481 3.28 24.04 -3.26
N GLN A 482 3.45 24.70 -2.12
CA GLN A 482 4.77 25.10 -1.63
C GLN A 482 5.75 23.91 -1.48
N ASP A 483 5.25 22.76 -1.06
CA ASP A 483 6.08 21.59 -0.80
C ASP A 483 6.62 20.98 -2.08
N ILE A 484 5.82 21.05 -3.14
CA ILE A 484 6.27 20.68 -4.49
C ILE A 484 7.34 21.67 -5.00
N ASP A 485 7.05 22.97 -4.86
CA ASP A 485 7.99 24.05 -5.16
C ASP A 485 9.31 23.88 -4.43
N PHE A 486 9.24 23.55 -3.13
CA PHE A 486 10.44 23.29 -2.34
C PHE A 486 11.22 22.12 -2.90
N LEU A 487 10.50 21.05 -3.24
CA LEU A 487 11.12 19.84 -3.75
C LEU A 487 11.91 20.10 -5.03
N ILE A 488 11.27 20.72 -6.01
CA ILE A 488 11.93 21.06 -7.28
C ILE A 488 13.27 21.75 -7.00
N GLU A 489 13.21 22.77 -6.15
CA GLU A 489 14.36 23.60 -5.80
C GLU A 489 15.44 22.85 -5.02
N GLU A 490 15.01 21.98 -4.10
CA GLU A 490 15.94 21.18 -3.29
C GLU A 490 16.73 20.21 -4.17
N ILE A 491 16.06 19.62 -5.15
CA ILE A 491 16.70 18.68 -6.06
C ILE A 491 17.80 19.39 -6.86
N GLU A 492 17.46 20.59 -7.34
CA GLU A 492 18.40 21.45 -8.06
C GLU A 492 19.59 21.83 -7.19
N ARG A 493 19.32 22.23 -5.95
CA ARG A 493 20.33 22.64 -4.99
C ARG A 493 21.33 21.52 -4.68
N LEU A 494 20.80 20.30 -4.53
CA LEU A 494 21.56 19.12 -4.16
C LEU A 494 22.26 18.47 -5.36
N GLY A 495 21.86 18.85 -6.56
CA GLY A 495 22.43 18.28 -7.78
C GLY A 495 23.64 19.02 -8.31
N GLN A 496 24.75 18.91 -7.59
CA GLN A 496 26.05 19.49 -7.97
C GLN A 496 27.24 18.72 -7.38
N ASP A 497 27.61 17.62 -8.03
CA ASP A 497 26.96 17.15 -9.26
C ASP A 497 26.66 15.65 -9.21
N ABU B . 3.90 2.20 0.90
CD ABU B . 4.08 1.19 -0.13
CB ABU B . 5.51 1.24 -0.65
CG ABU B . 5.62 0.92 -2.14
C ABU B . 6.64 1.79 -2.85
O ABU B . 7.00 2.86 -2.34
OXT ABU B . 7.08 1.39 -3.94
N ABU C . 5.72 -2.29 -2.62
CD ABU C . 4.48 -1.54 -2.71
CB ABU C . 4.57 -0.29 -1.86
CG ABU C . 4.09 -0.53 -0.43
C ABU C . 3.87 0.77 0.31
O ABU C . 3.08 0.79 1.27
OXT ABU C . 4.51 1.79 -0.04
C1 GOL D . 6.60 -9.57 -11.44
O1 GOL D . 5.39 -9.97 -10.83
C2 GOL D . 6.83 -8.06 -11.27
O2 GOL D . 6.88 -7.43 -12.53
C3 GOL D . 8.15 -7.80 -10.53
O3 GOL D . 8.17 -6.47 -10.04
#